data_7OTS
#
_entry.id   7OTS
#
_cell.length_a   60.815
_cell.length_b   71.494
_cell.length_c   77.83
_cell.angle_alpha   90
_cell.angle_beta   111.11
_cell.angle_gamma   90
#
_symmetry.space_group_name_H-M   'P 1 21 1'
#
loop_
_entity.id
_entity.type
_entity.pdbx_description
1 polymer 'Monoacylglycerol lipase ABHD6'
2 non-polymer 'octyl beta-D-glucopyranoside'
3 non-polymer 'OLEIC ACID'
4 non-polymer 'SULFATE ION'
5 non-polymer GLYCEROL
6 water water
#
_entity_poly.entity_id   1
_entity_poly.type   'polypeptide(L)'
_entity_poly.pdbx_seq_one_letter_code
;SMRRTLGMQVRYVHHEDYQFCYSFRGRPGHKPSILMLHGFSAHKDMWLSVVKFLPKNLHLVCVDMPGHEGTTRSSLDDLS
IDGQVKRIHQFVECLKLNKKPFHLVGTAMGGQVAGVYAAYYPSDVSSLCLVCPAGLQYSTDNQFVQRLKELQGSAAVEKI
PLIPSTPEEMSEMLQLCSYVRFKVPQQILQGLVDVRIPHNNFYRKLFLEIVSEKSRYSLHQNMDKIKVPTQIIWGKQDQV
LDVSGADMLAKSIANCQVELLENCGHSVVMERPRKTAKLIIDFLASVHNTDNNKKLD
;
_entity_poly.pdbx_strand_id   A,B
#
loop_
_chem_comp.id
_chem_comp.type
_chem_comp.name
_chem_comp.formula
BOG D-saccharide 'octyl beta-D-glucopyranoside' 'C14 H28 O6'
GOL non-polymer GLYCEROL 'C3 H8 O3'
OLA non-polymer 'OLEIC ACID' 'C18 H34 O2'
SO4 non-polymer 'SULFATE ION' 'O4 S -2'
#
# COMPACT_ATOMS: atom_id res chain seq x y z
N THR A 5 -18.53 -21.27 26.86
CA THR A 5 -18.10 -19.87 27.03
C THR A 5 -16.74 -19.56 26.41
N LEU A 6 -15.94 -20.61 26.08
CA LEU A 6 -14.58 -20.52 25.53
C LEU A 6 -13.60 -19.74 26.41
N GLY A 7 -13.94 -19.51 27.67
CA GLY A 7 -13.11 -18.71 28.57
C GLY A 7 -13.36 -17.21 28.48
N MET A 8 -14.28 -16.79 27.58
CA MET A 8 -14.64 -15.39 27.38
C MET A 8 -15.51 -14.93 28.54
N GLN A 9 -15.22 -13.76 29.08
CA GLN A 9 -15.95 -13.20 30.22
C GLN A 9 -16.52 -11.84 29.85
N VAL A 10 -17.77 -11.57 30.24
CA VAL A 10 -18.45 -10.33 29.88
C VAL A 10 -18.18 -9.27 30.93
N ARG A 11 -17.84 -8.06 30.47
CA ARG A 11 -17.55 -6.93 31.34
CA ARG A 11 -17.52 -6.92 31.32
C ARG A 11 -18.17 -5.66 30.74
N TYR A 12 -18.28 -4.60 31.54
CA TYR A 12 -18.83 -3.35 31.07
C TYR A 12 -17.84 -2.27 31.48
N VAL A 13 -17.56 -1.35 30.58
CA VAL A 13 -16.64 -0.25 30.86
C VAL A 13 -17.35 1.07 30.54
N HIS A 14 -17.17 2.11 31.36
CA HIS A 14 -17.91 3.35 31.20
C HIS A 14 -17.09 4.59 30.78
N HIS A 15 -17.66 5.36 29.84
CA HIS A 15 -17.12 6.65 29.43
C HIS A 15 -18.24 7.65 29.76
N GLU A 16 -18.16 8.29 30.95
CA GLU A 16 -19.20 9.20 31.43
C GLU A 16 -20.55 8.43 31.52
N ASP A 17 -21.61 8.86 30.80
CA ASP A 17 -22.89 8.15 30.83
C ASP A 17 -23.03 7.11 29.71
N TYR A 18 -21.93 6.76 29.03
CA TYR A 18 -21.98 5.78 27.96
C TYR A 18 -21.27 4.52 28.43
N GLN A 19 -21.85 3.34 28.19
CA GLN A 19 -21.24 2.09 28.63
C GLN A 19 -21.02 1.17 27.45
N PHE A 20 -19.87 0.51 27.43
CA PHE A 20 -19.56 -0.43 26.38
C PHE A 20 -19.58 -1.81 27.01
N CYS A 21 -20.23 -2.77 26.36
CA CYS A 21 -20.26 -4.16 26.83
C CYS A 21 -19.31 -4.92 25.97
N TYR A 22 -18.44 -5.73 26.58
CA TYR A 22 -17.48 -6.52 25.81
C TYR A 22 -17.17 -7.87 26.47
N SER A 23 -16.67 -8.83 25.68
CA SER A 23 -16.23 -10.11 26.21
C SER A 23 -14.71 -10.19 25.98
N PHE A 24 -13.99 -10.95 26.82
CA PHE A 24 -12.53 -11.01 26.71
C PHE A 24 -11.94 -12.28 27.29
N ARG A 25 -10.71 -12.59 26.89
CA ARG A 25 -9.90 -13.66 27.43
C ARG A 25 -8.43 -13.32 27.25
N GLY A 26 -7.59 -13.83 28.13
CA GLY A 26 -6.17 -13.53 28.12
C GLY A 26 -5.88 -12.15 28.68
N ARG A 27 -4.64 -11.69 28.54
CA ARG A 27 -4.25 -10.38 29.05
C ARG A 27 -3.12 -9.78 28.22
N PRO A 28 -3.04 -8.44 28.15
CA PRO A 28 -2.00 -7.79 27.34
C PRO A 28 -0.58 -8.35 27.53
N GLY A 29 -0.08 -9.01 26.49
CA GLY A 29 1.25 -9.60 26.50
C GLY A 29 2.13 -9.08 25.38
N HIS A 30 3.19 -9.82 25.03
CA HIS A 30 4.15 -9.43 24.00
C HIS A 30 3.52 -9.32 22.61
N LYS A 31 2.64 -10.26 22.27
CA LYS A 31 1.93 -10.27 20.99
C LYS A 31 0.87 -9.12 20.96
N PRO A 32 0.41 -8.71 19.76
CA PRO A 32 -0.59 -7.64 19.72
C PRO A 32 -1.93 -8.17 20.22
N SER A 33 -2.68 -7.35 20.98
CA SER A 33 -4.03 -7.73 21.40
C SER A 33 -4.93 -7.72 20.13
N ILE A 34 -6.04 -8.43 20.14
CA ILE A 34 -6.97 -8.45 19.03
C ILE A 34 -8.32 -7.86 19.46
N LEU A 35 -8.76 -6.82 18.76
CA LEU A 35 -10.05 -6.19 19.01
C LEU A 35 -10.95 -6.53 17.83
N MET A 36 -12.07 -7.20 18.09
CA MET A 36 -13.01 -7.61 17.05
C MET A 36 -14.31 -6.76 17.06
N LEU A 37 -14.72 -6.31 15.86
CA LEU A 37 -15.88 -5.50 15.64
C LEU A 37 -16.89 -6.23 14.76
N HIS A 38 -18.08 -6.54 15.30
CA HIS A 38 -19.12 -7.25 14.56
C HIS A 38 -19.86 -6.36 13.51
N GLY A 39 -20.69 -6.95 12.69
CA GLY A 39 -21.44 -6.24 11.68
C GLY A 39 -22.79 -5.72 12.14
N PHE A 40 -23.60 -5.24 11.17
CA PHE A 40 -24.92 -4.65 11.38
C PHE A 40 -25.86 -5.61 12.12
N SER A 41 -26.50 -5.11 13.19
CA SER A 41 -27.54 -5.79 13.99
C SER A 41 -27.11 -7.07 14.69
N ALA A 42 -25.82 -7.34 14.76
CA ALA A 42 -25.30 -8.52 15.41
C ALA A 42 -24.83 -8.11 16.88
N HIS A 43 -23.82 -8.77 17.50
CA HIS A 43 -23.34 -8.45 18.84
C HIS A 43 -21.98 -9.18 19.00
N LYS A 44 -21.28 -8.93 20.10
CA LYS A 44 -19.96 -9.46 20.35
C LYS A 44 -19.87 -10.97 20.26
N ASP A 45 -20.98 -11.71 20.49
CA ASP A 45 -20.92 -13.18 20.48
C ASP A 45 -20.94 -13.80 19.09
N MET A 46 -21.10 -13.01 18.01
CA MET A 46 -21.00 -13.61 16.67
C MET A 46 -19.54 -14.06 16.41
N TRP A 47 -18.56 -13.56 17.19
CA TRP A 47 -17.15 -13.92 17.05
C TRP A 47 -16.78 -15.23 17.73
N LEU A 48 -17.70 -15.82 18.53
CA LEU A 48 -17.44 -17.08 19.24
C LEU A 48 -17.08 -18.26 18.34
N SER A 49 -17.66 -18.37 17.15
CA SER A 49 -17.34 -19.44 16.20
C SER A 49 -15.85 -19.44 15.84
N VAL A 50 -15.26 -18.24 15.64
CA VAL A 50 -13.85 -18.06 15.29
C VAL A 50 -12.97 -18.20 16.53
N VAL A 51 -13.42 -17.64 17.68
CA VAL A 51 -12.67 -17.74 18.93
C VAL A 51 -12.42 -19.19 19.31
N LYS A 52 -13.39 -20.06 19.09
CA LYS A 52 -13.27 -21.49 19.35
C LYS A 52 -12.00 -22.09 18.68
N PHE A 53 -11.61 -21.58 17.49
CA PHE A 53 -10.42 -22.07 16.79
C PHE A 53 -9.16 -21.18 16.99
N LEU A 54 -9.25 -20.13 17.82
CA LEU A 54 -8.11 -19.26 18.10
C LEU A 54 -7.25 -19.80 19.26
N PRO A 55 -5.93 -19.61 19.22
CA PRO A 55 -5.08 -20.05 20.35
C PRO A 55 -5.35 -19.29 21.66
N LYS A 56 -5.12 -19.95 22.81
CA LYS A 56 -5.40 -19.38 24.13
C LYS A 56 -4.36 -18.38 24.63
N ASN A 57 -3.21 -18.24 23.96
CA ASN A 57 -2.20 -17.28 24.41
C ASN A 57 -2.43 -15.84 23.87
N LEU A 58 -3.62 -15.55 23.29
CA LEU A 58 -3.91 -14.22 22.76
C LEU A 58 -4.88 -13.43 23.62
N HIS A 59 -4.71 -12.10 23.63
CA HIS A 59 -5.61 -11.22 24.34
C HIS A 59 -6.66 -10.83 23.35
N LEU A 60 -7.88 -11.36 23.52
CA LEU A 60 -8.99 -11.08 22.61
C LEU A 60 -10.03 -10.22 23.29
N VAL A 61 -10.53 -9.18 22.60
CA VAL A 61 -11.61 -8.32 23.04
C VAL A 61 -12.68 -8.26 21.94
N CYS A 62 -13.95 -8.56 22.28
CA CYS A 62 -15.07 -8.55 21.32
C CYS A 62 -16.04 -7.55 21.91
N VAL A 63 -16.31 -6.44 21.22
CA VAL A 63 -17.15 -5.39 21.80
C VAL A 63 -18.50 -5.26 21.10
N ASP A 64 -19.56 -4.96 21.88
CA ASP A 64 -20.88 -4.74 21.31
C ASP A 64 -20.79 -3.31 20.74
N MET A 65 -21.10 -3.18 19.47
CA MET A 65 -21.02 -1.92 18.75
C MET A 65 -22.06 -0.91 19.28
N PRO A 66 -21.83 0.39 19.10
CA PRO A 66 -22.81 1.39 19.56
C PRO A 66 -24.28 1.07 19.28
N GLY A 67 -25.07 1.09 20.36
CA GLY A 67 -26.50 0.83 20.31
C GLY A 67 -26.90 -0.62 20.26
N HIS A 68 -25.92 -1.54 20.15
CA HIS A 68 -26.22 -2.97 20.10
C HIS A 68 -26.03 -3.63 21.46
N GLU A 69 -26.92 -4.58 21.80
CA GLU A 69 -26.78 -5.47 22.96
C GLU A 69 -26.45 -4.70 24.27
N GLY A 70 -25.33 -4.98 24.93
CA GLY A 70 -24.98 -4.33 26.17
C GLY A 70 -24.38 -2.95 26.09
N THR A 71 -24.10 -2.46 24.87
CA THR A 71 -23.54 -1.11 24.70
C THR A 71 -24.67 -0.09 24.63
N THR A 72 -24.46 1.11 25.20
CA THR A 72 -25.47 2.17 25.26
C THR A 72 -26.19 2.41 23.97
N ARG A 73 -27.55 2.46 24.05
CA ARG A 73 -28.40 2.85 22.94
C ARG A 73 -28.98 4.22 23.33
N SER A 74 -28.51 5.29 22.68
CA SER A 74 -28.93 6.64 23.02
C SER A 74 -29.34 7.39 21.75
N SER A 75 -30.52 8.06 21.77
CA SER A 75 -31.01 8.87 20.65
C SER A 75 -30.05 10.02 20.32
N LEU A 76 -29.15 10.38 21.23
CA LEU A 76 -28.17 11.45 20.99
C LEU A 76 -26.84 10.94 20.40
N ASP A 77 -26.64 9.60 20.34
CA ASP A 77 -25.42 9.01 19.80
C ASP A 77 -25.33 9.23 18.28
N ASP A 78 -24.13 9.52 17.79
CA ASP A 78 -23.88 9.73 16.37
C ASP A 78 -23.59 8.36 15.76
N LEU A 79 -24.59 7.78 15.08
CA LEU A 79 -24.52 6.46 14.49
C LEU A 79 -23.82 6.41 13.12
N SER A 80 -23.32 7.56 12.62
CA SER A 80 -22.58 7.58 11.36
C SER A 80 -21.28 6.78 11.56
N ILE A 81 -20.63 6.33 10.47
CA ILE A 81 -19.36 5.59 10.61
C ILE A 81 -18.31 6.42 11.39
N ASP A 82 -18.21 7.74 11.09
CA ASP A 82 -17.35 8.67 11.82
C ASP A 82 -17.63 8.65 13.34
N GLY A 83 -18.89 8.76 13.74
CA GLY A 83 -19.26 8.70 15.15
C GLY A 83 -18.99 7.36 15.81
N GLN A 84 -19.19 6.26 15.08
CA GLN A 84 -18.92 4.92 15.62
C GLN A 84 -17.45 4.70 15.80
N VAL A 85 -16.62 5.21 14.85
CA VAL A 85 -15.17 5.12 14.91
C VAL A 85 -14.71 5.85 16.19
N LYS A 86 -15.25 7.06 16.45
CA LYS A 86 -14.95 7.85 17.64
C LYS A 86 -15.31 7.15 18.92
N ARG A 87 -16.48 6.47 18.97
CA ARG A 87 -16.91 5.68 20.13
C ARG A 87 -15.93 4.55 20.36
N ILE A 88 -15.50 3.87 19.28
CA ILE A 88 -14.55 2.77 19.42
C ILE A 88 -13.23 3.28 19.98
N HIS A 89 -12.78 4.50 19.58
CA HIS A 89 -11.56 5.06 20.14
C HIS A 89 -11.75 5.34 21.65
N GLN A 90 -12.93 5.76 22.10
CA GLN A 90 -13.19 6.00 23.54
C GLN A 90 -13.10 4.70 24.30
N PHE A 91 -13.67 3.60 23.71
CA PHE A 91 -13.66 2.28 24.32
C PHE A 91 -12.21 1.81 24.43
N VAL A 92 -11.42 1.95 23.35
CA VAL A 92 -10.00 1.60 23.31
C VAL A 92 -9.22 2.34 24.40
N GLU A 93 -9.46 3.67 24.55
CA GLU A 93 -8.83 4.49 25.57
C GLU A 93 -9.24 4.05 26.98
N CYS A 94 -10.50 3.59 27.15
CA CYS A 94 -11.06 3.09 28.41
C CYS A 94 -10.31 1.85 28.86
N LEU A 95 -10.04 0.92 27.93
CA LEU A 95 -9.30 -0.31 28.28
C LEU A 95 -7.79 -0.16 28.17
N LYS A 96 -7.30 0.97 27.66
CA LYS A 96 -5.89 1.22 27.38
C LYS A 96 -5.38 0.21 26.33
N LEU A 97 -6.26 -0.23 25.39
CA LEU A 97 -5.93 -1.18 24.32
C LEU A 97 -4.82 -0.68 23.41
N ASN A 98 -4.70 0.63 23.27
CA ASN A 98 -3.68 1.22 22.44
C ASN A 98 -2.41 1.60 23.22
N LYS A 99 -2.17 0.98 24.38
CA LYS A 99 -0.93 1.17 25.17
C LYS A 99 0.31 0.89 24.27
N LYS A 100 0.16 -0.09 23.37
CA LYS A 100 1.03 -0.48 22.28
C LYS A 100 0.09 -0.85 21.09
N PRO A 101 0.55 -0.73 19.83
CA PRO A 101 -0.35 -0.99 18.69
C PRO A 101 -1.05 -2.35 18.74
N PHE A 102 -2.35 -2.39 18.40
CA PHE A 102 -3.10 -3.64 18.42
C PHE A 102 -3.57 -4.10 17.05
N HIS A 103 -3.90 -5.38 16.91
CA HIS A 103 -4.43 -5.93 15.68
C HIS A 103 -5.95 -5.65 15.71
N LEU A 104 -6.48 -5.00 14.67
CA LEU A 104 -7.89 -4.66 14.61
CA LEU A 104 -7.89 -4.63 14.58
C LEU A 104 -8.61 -5.48 13.54
N VAL A 105 -9.62 -6.27 13.96
CA VAL A 105 -10.42 -7.14 13.09
C VAL A 105 -11.89 -6.67 13.01
N GLY A 106 -12.44 -6.55 11.80
CA GLY A 106 -13.83 -6.17 11.64
C GLY A 106 -14.56 -6.88 10.52
N THR A 107 -15.88 -7.13 10.71
CA THR A 107 -16.69 -7.71 9.64
C THR A 107 -17.84 -6.81 9.20
N ALA A 108 -18.01 -6.63 7.88
CA ALA A 108 -19.06 -5.84 7.25
C ALA A 108 -19.15 -4.35 7.85
N MET A 109 -20.23 -3.87 8.56
CA MET A 109 -20.22 -2.52 9.14
C MET A 109 -19.02 -2.38 10.13
N GLY A 110 -18.67 -3.47 10.85
CA GLY A 110 -17.53 -3.47 11.74
C GLY A 110 -16.20 -3.38 11.00
N GLY A 111 -16.19 -3.91 9.77
CA GLY A 111 -15.05 -3.89 8.85
C GLY A 111 -14.78 -2.49 8.36
N GLN A 112 -15.85 -1.75 8.12
CA GLN A 112 -15.80 -0.36 7.68
C GLN A 112 -15.29 0.50 8.81
N VAL A 113 -15.84 0.32 10.03
CA VAL A 113 -15.40 1.04 11.22
C VAL A 113 -13.90 0.76 11.45
N ALA A 114 -13.49 -0.51 11.31
CA ALA A 114 -12.10 -0.93 11.46
C ALA A 114 -11.17 -0.23 10.46
N GLY A 115 -11.57 -0.16 9.19
CA GLY A 115 -10.76 0.48 8.17
C GLY A 115 -10.63 1.97 8.40
N VAL A 116 -11.76 2.64 8.70
CA VAL A 116 -11.77 4.06 8.99
C VAL A 116 -10.99 4.38 10.29
N TYR A 117 -11.05 3.46 11.27
CA TYR A 117 -10.32 3.61 12.53
C TYR A 117 -8.83 3.60 12.27
N ALA A 118 -8.32 2.65 11.46
CA ALA A 118 -6.89 2.61 11.14
C ALA A 118 -6.45 3.88 10.37
N ALA A 119 -7.34 4.49 9.59
CA ALA A 119 -7.04 5.76 8.89
C ALA A 119 -7.03 6.96 9.86
N TYR A 120 -7.91 6.95 10.89
CA TYR A 120 -8.03 8.06 11.84
C TYR A 120 -6.95 8.00 12.89
N TYR A 121 -6.61 6.80 13.35
CA TYR A 121 -5.66 6.64 14.44
C TYR A 121 -4.64 5.65 13.99
N PRO A 122 -3.71 6.05 13.11
CA PRO A 122 -2.74 5.09 12.58
C PRO A 122 -1.76 4.53 13.63
N SER A 123 -1.38 5.34 14.63
CA SER A 123 -0.44 4.85 15.66
C SER A 123 -1.03 3.81 16.61
N ASP A 124 -2.36 3.63 16.60
CA ASP A 124 -3.06 2.68 17.45
C ASP A 124 -3.00 1.27 16.92
N VAL A 125 -2.95 1.10 15.60
CA VAL A 125 -3.09 -0.21 14.97
C VAL A 125 -1.77 -0.79 14.39
N SER A 126 -1.41 -2.01 14.76
CA SER A 126 -0.23 -2.69 14.22
C SER A 126 -0.54 -3.37 12.88
N SER A 127 -1.76 -3.87 12.73
CA SER A 127 -2.22 -4.61 11.56
C SER A 127 -3.76 -4.69 11.57
N LEU A 128 -4.35 -4.93 10.40
CA LEU A 128 -5.77 -4.88 10.21
C LEU A 128 -6.29 -6.13 9.51
N CYS A 129 -7.50 -6.59 9.86
CA CYS A 129 -8.13 -7.69 9.13
C CYS A 129 -9.55 -7.23 8.85
N LEU A 130 -9.88 -7.14 7.58
CA LEU A 130 -11.19 -6.68 7.14
C LEU A 130 -11.92 -7.81 6.47
N VAL A 131 -12.97 -8.29 7.10
CA VAL A 131 -13.79 -9.40 6.63
C VAL A 131 -15.01 -8.78 5.97
N CYS A 132 -15.15 -8.93 4.66
CA CYS A 132 -16.18 -8.30 3.80
C CYS A 132 -16.60 -6.91 4.30
N PRO A 133 -15.64 -5.96 4.45
CA PRO A 133 -16.01 -4.64 4.96
C PRO A 133 -16.98 -3.87 4.09
N ALA A 134 -17.90 -3.14 4.72
CA ALA A 134 -18.82 -2.26 4.01
C ALA A 134 -18.03 -0.92 3.73
N GLY A 135 -18.65 0.04 3.02
CA GLY A 135 -18.06 1.36 2.82
C GLY A 135 -17.37 1.60 1.51
N LEU A 136 -17.60 0.73 0.54
CA LEU A 136 -16.94 0.86 -0.76
C LEU A 136 -17.90 1.27 -1.85
N GLN A 137 -17.35 1.94 -2.87
CA GLN A 137 -18.15 2.41 -3.98
C GLN A 137 -17.97 1.45 -5.15
N TYR A 138 -19.02 0.68 -5.46
CA TYR A 138 -19.01 -0.31 -6.54
C TYR A 138 -19.45 0.33 -7.84
N SER A 139 -18.89 -0.10 -8.98
N SER A 139 -18.88 -0.13 -8.98
CA SER A 139 -19.28 0.48 -10.27
CA SER A 139 -19.23 0.40 -10.30
C SER A 139 -20.72 0.08 -10.64
C SER A 139 -20.64 0.02 -10.72
N THR A 140 -21.14 -1.13 -10.25
CA THR A 140 -22.50 -1.61 -10.50
C THR A 140 -23.04 -2.20 -9.18
N ASP A 141 -24.35 -2.15 -9.03
CA ASP A 141 -25.02 -2.65 -7.86
C ASP A 141 -25.36 -4.10 -8.00
N ASN A 142 -25.17 -4.89 -6.91
CA ASN A 142 -25.64 -6.27 -6.94
C ASN A 142 -27.20 -6.22 -6.73
N GLN A 143 -27.88 -7.36 -6.71
CA GLN A 143 -29.33 -7.42 -6.53
C GLN A 143 -29.82 -6.83 -5.20
N PHE A 144 -29.05 -7.01 -4.13
CA PHE A 144 -29.40 -6.48 -2.81
C PHE A 144 -29.41 -4.95 -2.85
N VAL A 145 -28.32 -4.31 -3.31
CA VAL A 145 -28.28 -2.85 -3.44
C VAL A 145 -29.37 -2.34 -4.42
N GLN A 146 -29.66 -3.10 -5.51
CA GLN A 146 -30.74 -2.69 -6.42
C GLN A 146 -32.11 -2.79 -5.71
N ARG A 147 -32.25 -3.70 -4.72
CA ARG A 147 -33.46 -3.83 -3.94
C ARG A 147 -33.61 -2.62 -3.02
N LEU A 148 -32.53 -2.18 -2.37
CA LEU A 148 -32.54 -1.01 -1.49
C LEU A 148 -32.93 0.24 -2.26
N LYS A 149 -32.43 0.37 -3.50
CA LYS A 149 -32.75 1.55 -4.31
C LYS A 149 -34.20 1.50 -4.72
N GLU A 150 -34.72 0.30 -5.06
CA GLU A 150 -36.12 0.08 -5.37
C GLU A 150 -37.01 0.46 -4.17
N LEU A 151 -36.62 0.06 -2.92
CA LEU A 151 -37.36 0.36 -1.67
C LEU A 151 -37.40 1.86 -1.43
N GLN A 152 -36.29 2.58 -1.73
CA GLN A 152 -36.23 4.03 -1.60
C GLN A 152 -37.32 4.71 -2.49
N GLY A 153 -37.63 4.11 -3.63
CA GLY A 153 -38.63 4.63 -4.57
C GLY A 153 -40.06 4.55 -4.07
N SER A 154 -40.32 3.72 -3.07
CA SER A 154 -41.65 3.60 -2.45
C SER A 154 -41.59 3.86 -0.93
N ALA A 155 -40.43 4.32 -0.40
CA ALA A 155 -40.14 4.55 1.01
C ALA A 155 -40.58 3.37 1.86
N ALA A 156 -40.41 2.14 1.34
CA ALA A 156 -40.82 0.95 2.08
C ALA A 156 -39.71 0.57 3.05
N VAL A 157 -39.47 1.41 4.07
CA VAL A 157 -38.45 1.18 5.09
C VAL A 157 -38.72 -0.10 5.90
N GLU A 158 -39.98 -0.53 6.00
CA GLU A 158 -40.36 -1.76 6.67
C GLU A 158 -39.94 -3.04 5.88
N LYS A 159 -39.46 -2.88 4.63
CA LYS A 159 -39.05 -4.03 3.84
C LYS A 159 -37.54 -4.16 3.69
N ILE A 160 -36.72 -3.43 4.50
CA ILE A 160 -35.25 -3.57 4.40
C ILE A 160 -34.88 -5.07 4.63
N PRO A 161 -34.26 -5.73 3.65
CA PRO A 161 -33.99 -7.18 3.80
C PRO A 161 -33.27 -7.63 5.08
N LEU A 162 -32.44 -6.75 5.68
CA LEU A 162 -31.70 -7.07 6.91
C LEU A 162 -32.43 -6.68 8.20
N ILE A 163 -33.68 -6.20 8.07
CA ILE A 163 -34.49 -5.84 9.21
C ILE A 163 -35.84 -6.60 9.15
N PRO A 164 -35.82 -7.95 9.22
CA PRO A 164 -37.07 -8.71 9.20
C PRO A 164 -37.93 -8.54 10.45
N SER A 165 -39.23 -8.61 10.25
CA SER A 165 -40.22 -8.53 11.33
C SER A 165 -41.19 -9.71 11.34
N THR A 166 -41.17 -10.59 10.28
CA THR A 166 -42.01 -11.80 10.17
C THR A 166 -41.14 -13.05 9.98
N PRO A 167 -41.67 -14.30 10.18
CA PRO A 167 -40.87 -15.51 9.93
C PRO A 167 -40.42 -15.64 8.48
N GLU A 168 -41.30 -15.27 7.52
CA GLU A 168 -40.95 -15.34 6.10
C GLU A 168 -39.85 -14.33 5.77
N GLU A 169 -39.88 -13.13 6.40
CA GLU A 169 -38.80 -12.15 6.20
C GLU A 169 -37.49 -12.64 6.81
N MET A 170 -37.57 -13.36 7.95
CA MET A 170 -36.40 -13.90 8.66
CA MET A 170 -36.39 -13.89 8.65
C MET A 170 -35.73 -14.98 7.79
N SER A 171 -36.54 -15.83 7.16
N SER A 171 -36.54 -15.83 7.16
CA SER A 171 -36.06 -16.88 6.28
CA SER A 171 -36.07 -16.88 6.27
C SER A 171 -35.35 -16.27 5.05
C SER A 171 -35.36 -16.28 5.06
N GLU A 172 -35.83 -15.12 4.55
CA GLU A 172 -35.20 -14.47 3.41
C GLU A 172 -33.87 -13.82 3.84
N MET A 173 -33.80 -13.26 5.06
CA MET A 173 -32.59 -12.67 5.58
C MET A 173 -31.54 -13.77 5.77
N LEU A 174 -31.95 -14.92 6.33
CA LEU A 174 -31.00 -16.05 6.50
C LEU A 174 -30.45 -16.56 5.16
N GLN A 175 -31.29 -16.63 4.13
CA GLN A 175 -30.84 -17.04 2.79
C GLN A 175 -29.85 -16.05 2.15
N LEU A 176 -30.14 -14.73 2.28
CA LEU A 176 -29.34 -13.66 1.69
C LEU A 176 -27.94 -13.55 2.34
N CYS A 177 -27.87 -13.82 3.65
CA CYS A 177 -26.64 -13.65 4.41
C CYS A 177 -25.74 -14.86 4.47
N SER A 178 -26.16 -16.03 3.96
CA SER A 178 -25.34 -17.24 3.95
C SER A 178 -25.44 -17.98 2.63
N TYR A 179 -24.37 -18.68 2.24
CA TYR A 179 -24.34 -19.45 1.00
C TYR A 179 -25.26 -20.68 1.11
N VAL A 180 -25.07 -21.47 2.16
CA VAL A 180 -25.91 -22.64 2.37
C VAL A 180 -26.90 -22.29 3.41
N ARG A 181 -28.18 -22.36 3.06
CA ARG A 181 -29.22 -22.14 4.04
C ARG A 181 -30.43 -23.00 3.77
N PHE A 182 -30.50 -24.18 4.39
CA PHE A 182 -31.66 -25.05 4.25
C PHE A 182 -32.87 -24.47 5.06
N LYS A 183 -34.10 -24.76 4.63
CA LYS A 183 -35.32 -24.23 5.25
C LYS A 183 -35.40 -24.58 6.74
N VAL A 184 -35.76 -23.58 7.54
CA VAL A 184 -35.85 -23.70 9.00
C VAL A 184 -37.36 -23.86 9.37
N PRO A 185 -37.73 -24.66 10.39
CA PRO A 185 -39.15 -24.73 10.79
C PRO A 185 -39.66 -23.35 11.25
N GLN A 186 -40.93 -23.01 10.94
CA GLN A 186 -41.62 -21.77 11.31
C GLN A 186 -41.41 -21.39 12.77
N GLN A 187 -41.45 -22.36 13.70
CA GLN A 187 -41.25 -22.04 15.12
C GLN A 187 -39.89 -21.47 15.38
N ILE A 188 -38.83 -22.02 14.75
CA ILE A 188 -37.48 -21.51 14.96
C ILE A 188 -37.33 -20.12 14.36
N LEU A 189 -37.84 -19.89 13.12
CA LEU A 189 -37.81 -18.58 12.48
C LEU A 189 -38.50 -17.53 13.37
N GLN A 190 -39.68 -17.89 13.92
CA GLN A 190 -40.46 -17.03 14.80
C GLN A 190 -39.65 -16.65 16.06
N GLY A 191 -38.95 -17.61 16.64
CA GLY A 191 -38.12 -17.34 17.81
C GLY A 191 -36.99 -16.39 17.46
N LEU A 192 -36.32 -16.61 16.32
CA LEU A 192 -35.21 -15.77 15.87
C LEU A 192 -35.65 -14.31 15.64
N VAL A 193 -36.81 -14.09 15.01
CA VAL A 193 -37.29 -12.73 14.72
C VAL A 193 -37.84 -12.04 15.98
N ASP A 194 -38.48 -12.79 16.90
CA ASP A 194 -39.01 -12.20 18.15
C ASP A 194 -37.91 -11.55 18.97
N VAL A 195 -36.70 -12.16 19.03
CA VAL A 195 -35.60 -11.54 19.80
C VAL A 195 -35.11 -10.23 19.15
N ARG A 196 -35.35 -10.03 17.85
CA ARG A 196 -34.92 -8.85 17.12
C ARG A 196 -35.99 -7.75 17.05
N ILE A 197 -37.29 -8.11 17.02
CA ILE A 197 -38.41 -7.16 16.89
C ILE A 197 -38.28 -5.92 17.84
N PRO A 198 -38.01 -6.04 19.15
CA PRO A 198 -37.89 -4.83 19.98
C PRO A 198 -36.77 -3.88 19.56
N HIS A 199 -35.82 -4.38 18.78
CA HIS A 199 -34.66 -3.62 18.36
C HIS A 199 -34.75 -3.12 16.91
N ASN A 200 -35.85 -3.43 16.18
CA ASN A 200 -35.96 -3.03 14.78
C ASN A 200 -36.01 -1.51 14.55
N ASN A 201 -36.60 -0.70 15.46
CA ASN A 201 -36.58 0.77 15.27
C ASN A 201 -35.14 1.27 15.31
N PHE A 202 -34.32 0.72 16.22
CA PHE A 202 -32.92 1.12 16.28
C PHE A 202 -32.18 0.64 15.00
N TYR A 203 -32.38 -0.63 14.58
CA TYR A 203 -31.70 -1.14 13.39
C TYR A 203 -32.09 -0.33 12.15
N ARG A 204 -33.33 0.13 12.08
CA ARG A 204 -33.85 0.90 10.96
C ARG A 204 -33.18 2.29 10.89
N LYS A 205 -32.91 2.89 12.07
CA LYS A 205 -32.24 4.17 12.21
C LYS A 205 -30.74 4.03 11.90
N LEU A 206 -30.14 2.95 12.39
CA LEU A 206 -28.73 2.67 12.14
C LEU A 206 -28.52 2.39 10.67
N PHE A 207 -29.43 1.64 10.05
CA PHE A 207 -29.26 1.24 8.65
C PHE A 207 -29.27 2.44 7.75
N LEU A 208 -30.28 3.31 7.92
CA LEU A 208 -30.42 4.52 7.13
C LEU A 208 -29.25 5.46 7.35
N GLU A 209 -28.67 5.48 8.55
CA GLU A 209 -27.51 6.32 8.84
C GLU A 209 -26.24 5.81 8.16
N ILE A 210 -25.99 4.47 8.17
CA ILE A 210 -24.76 3.94 7.57
C ILE A 210 -24.83 3.90 6.03
N VAL A 211 -26.02 3.92 5.42
CA VAL A 211 -26.16 4.01 3.96
C VAL A 211 -26.34 5.47 3.48
N SER A 212 -26.36 6.46 4.40
CA SER A 212 -26.49 7.89 4.05
C SER A 212 -25.22 8.39 3.33
N GLU A 213 -25.33 9.52 2.60
CA GLU A 213 -24.22 10.05 1.80
C GLU A 213 -22.89 10.13 2.53
N LYS A 214 -22.92 10.50 3.80
CA LYS A 214 -21.76 10.68 4.66
C LYS A 214 -21.08 9.37 5.08
N SER A 215 -21.81 8.23 5.05
CA SER A 215 -21.22 6.98 5.47
C SER A 215 -21.12 5.89 4.39
N ARG A 216 -21.96 5.94 3.35
CA ARG A 216 -22.00 4.89 2.36
C ARG A 216 -20.66 4.51 1.74
N TYR A 217 -19.74 5.47 1.53
CA TYR A 217 -18.45 5.18 0.92
C TYR A 217 -17.28 5.66 1.78
N SER A 218 -17.45 5.70 3.13
CA SER A 218 -16.39 6.22 3.98
C SER A 218 -15.13 5.35 4.03
N LEU A 219 -15.22 4.05 3.78
CA LEU A 219 -14.00 3.23 3.76
C LEU A 219 -13.24 3.54 2.47
N HIS A 220 -13.95 3.66 1.34
CA HIS A 220 -13.36 3.97 0.03
C HIS A 220 -12.66 5.34 0.08
N GLN A 221 -13.26 6.32 0.83
CA GLN A 221 -12.76 7.68 0.99
C GLN A 221 -11.58 7.76 1.95
N ASN A 222 -11.41 6.77 2.82
CA ASN A 222 -10.31 6.79 3.79
C ASN A 222 -9.25 5.75 3.54
N MET A 223 -9.42 4.87 2.54
CA MET A 223 -8.46 3.77 2.36
C MET A 223 -7.06 4.24 1.93
N ASP A 224 -6.94 5.47 1.37
CA ASP A 224 -5.62 6.03 1.05
C ASP A 224 -4.80 6.40 2.29
N LYS A 225 -5.44 6.47 3.46
CA LYS A 225 -4.80 6.80 4.71
C LYS A 225 -4.45 5.57 5.56
N ILE A 226 -4.82 4.34 5.11
CA ILE A 226 -4.47 3.10 5.82
C ILE A 226 -3.00 2.80 5.55
N LYS A 227 -2.20 2.71 6.62
CA LYS A 227 -0.75 2.56 6.51
C LYS A 227 -0.17 1.32 7.12
N VAL A 228 -1.00 0.32 7.42
CA VAL A 228 -0.59 -0.91 8.06
C VAL A 228 -0.86 -2.13 7.20
N PRO A 229 -0.15 -3.25 7.44
CA PRO A 229 -0.45 -4.49 6.68
C PRO A 229 -1.92 -4.87 6.90
N THR A 230 -2.64 -5.08 5.80
CA THR A 230 -4.07 -5.34 5.86
C THR A 230 -4.41 -6.66 5.18
N GLN A 231 -5.22 -7.46 5.83
CA GLN A 231 -5.73 -8.71 5.29
C GLN A 231 -7.18 -8.50 4.94
N ILE A 232 -7.60 -8.97 3.77
CA ILE A 232 -9.01 -8.91 3.37
C ILE A 232 -9.48 -10.35 3.31
N ILE A 233 -10.58 -10.69 3.97
CA ILE A 233 -11.17 -12.02 3.86
C ILE A 233 -12.58 -11.79 3.33
N TRP A 234 -12.92 -12.38 2.20
CA TRP A 234 -14.24 -12.21 1.61
C TRP A 234 -14.77 -13.54 1.09
N GLY A 235 -16.09 -13.77 1.20
CA GLY A 235 -16.71 -14.96 0.65
C GLY A 235 -17.13 -14.70 -0.78
N LYS A 236 -16.73 -15.57 -1.70
CA LYS A 236 -17.05 -15.39 -3.13
C LYS A 236 -18.55 -15.38 -3.41
N GLN A 237 -19.36 -15.97 -2.54
CA GLN A 237 -20.81 -16.01 -2.74
C GLN A 237 -21.57 -14.94 -1.93
N ASP A 238 -20.87 -13.91 -1.46
CA ASP A 238 -21.52 -12.82 -0.69
C ASP A 238 -22.57 -12.11 -1.55
N GLN A 239 -23.84 -12.24 -1.14
CA GLN A 239 -24.99 -11.66 -1.80
C GLN A 239 -25.34 -10.23 -1.26
N VAL A 240 -24.69 -9.79 -0.17
CA VAL A 240 -24.89 -8.49 0.46
C VAL A 240 -23.80 -7.51 -0.01
N LEU A 241 -22.51 -7.77 0.29
CA LEU A 241 -21.42 -6.87 -0.11
C LEU A 241 -20.63 -7.65 -1.12
N ASP A 242 -20.71 -7.25 -2.40
CA ASP A 242 -20.07 -7.98 -3.47
C ASP A 242 -18.57 -8.16 -3.32
N VAL A 243 -18.09 -9.38 -3.56
CA VAL A 243 -16.68 -9.79 -3.45
C VAL A 243 -15.70 -8.96 -4.32
N SER A 244 -16.21 -8.22 -5.35
CA SER A 244 -15.30 -7.35 -6.14
C SER A 244 -14.66 -6.25 -5.27
N GLY A 245 -15.24 -5.98 -4.09
CA GLY A 245 -14.71 -5.02 -3.14
C GLY A 245 -13.32 -5.36 -2.67
N ALA A 246 -13.00 -6.66 -2.57
CA ALA A 246 -11.68 -7.12 -2.08
C ALA A 246 -10.53 -6.59 -2.95
N ASP A 247 -10.72 -6.61 -4.29
CA ASP A 247 -9.73 -6.12 -5.24
C ASP A 247 -9.60 -4.60 -5.21
N MET A 248 -10.72 -3.89 -4.98
CA MET A 248 -10.69 -2.43 -4.87
C MET A 248 -9.80 -2.00 -3.68
N LEU A 249 -9.93 -2.70 -2.55
CA LEU A 249 -9.10 -2.43 -1.39
C LEU A 249 -7.64 -2.81 -1.64
N ALA A 250 -7.41 -4.03 -2.17
CA ALA A 250 -6.08 -4.54 -2.43
C ALA A 250 -5.23 -3.65 -3.34
N LYS A 251 -5.85 -3.15 -4.43
CA LYS A 251 -5.17 -2.26 -5.37
C LYS A 251 -4.99 -0.83 -4.79
N SER A 252 -5.70 -0.48 -3.70
CA SER A 252 -5.59 0.83 -3.09
C SER A 252 -4.78 0.86 -1.78
N ILE A 253 -4.45 -0.30 -1.19
CA ILE A 253 -3.71 -0.35 0.07
C ILE A 253 -2.45 -1.19 -0.12
N ALA A 254 -1.29 -0.70 0.35
CA ALA A 254 -0.02 -1.44 0.25
C ALA A 254 0.01 -2.59 1.28
N ASN A 255 0.84 -3.65 1.06
CA ASN A 255 0.95 -4.78 1.98
C ASN A 255 -0.43 -5.38 2.31
N CYS A 256 -1.19 -5.66 1.26
CA CYS A 256 -2.55 -6.18 1.35
C CYS A 256 -2.60 -7.61 0.82
N GLN A 257 -3.05 -8.54 1.66
CA GLN A 257 -3.19 -9.95 1.32
C GLN A 257 -4.69 -10.22 1.26
N VAL A 258 -5.17 -10.77 0.13
CA VAL A 258 -6.59 -11.05 -0.09
C VAL A 258 -6.84 -12.54 0.01
N GLU A 259 -7.86 -12.94 0.77
CA GLU A 259 -8.24 -14.32 0.90
C GLU A 259 -9.69 -14.45 0.51
N LEU A 260 -9.94 -14.96 -0.69
CA LEU A 260 -11.29 -15.17 -1.18
C LEU A 260 -11.70 -16.61 -0.82
N LEU A 261 -12.77 -16.72 -0.06
CA LEU A 261 -13.25 -18.01 0.41
C LEU A 261 -14.31 -18.63 -0.45
N GLU A 262 -14.15 -19.92 -0.79
CA GLU A 262 -15.13 -20.65 -1.58
C GLU A 262 -16.31 -21.07 -0.71
N ASN A 263 -17.46 -21.34 -1.34
CA ASN A 263 -18.70 -21.82 -0.72
C ASN A 263 -19.02 -21.01 0.53
N CYS A 264 -18.95 -19.66 0.41
CA CYS A 264 -19.05 -18.79 1.57
C CYS A 264 -19.75 -17.50 1.19
N GLY A 265 -20.77 -17.13 1.95
CA GLY A 265 -21.56 -15.92 1.72
C GLY A 265 -21.13 -14.76 2.59
N HIS A 266 -22.09 -13.91 3.00
CA HIS A 266 -21.83 -12.75 3.83
C HIS A 266 -21.40 -13.07 5.26
N SER A 267 -21.92 -14.17 5.83
CA SER A 267 -21.62 -14.51 7.22
C SER A 267 -20.34 -15.33 7.41
N VAL A 268 -19.21 -14.83 6.86
CA VAL A 268 -17.90 -15.48 6.89
C VAL A 268 -17.55 -16.15 8.23
N VAL A 269 -17.65 -15.39 9.34
CA VAL A 269 -17.29 -15.84 10.68
C VAL A 269 -18.13 -17.03 11.14
N MET A 270 -19.38 -17.14 10.66
CA MET A 270 -20.26 -18.27 11.02
CA MET A 270 -20.21 -18.29 11.04
C MET A 270 -20.09 -19.42 10.01
N GLU A 271 -19.94 -19.10 8.72
CA GLU A 271 -19.84 -20.10 7.66
C GLU A 271 -18.50 -20.83 7.57
N ARG A 272 -17.37 -20.12 7.70
CA ARG A 272 -16.03 -20.73 7.58
C ARG A 272 -15.16 -20.31 8.79
N PRO A 273 -15.56 -20.65 10.03
CA PRO A 273 -14.82 -20.16 11.20
C PRO A 273 -13.43 -20.73 11.36
N ARG A 274 -13.22 -21.99 10.93
CA ARG A 274 -11.93 -22.67 11.06
C ARG A 274 -10.90 -22.02 10.15
N LYS A 275 -11.23 -21.89 8.85
CA LYS A 275 -10.36 -21.26 7.86
C LYS A 275 -10.12 -19.81 8.22
N THR A 276 -11.18 -19.07 8.66
CA THR A 276 -11.05 -17.66 9.04
C THR A 276 -10.06 -17.47 10.20
N ALA A 277 -10.21 -18.29 11.26
CA ALA A 277 -9.33 -18.25 12.42
C ALA A 277 -7.90 -18.57 12.02
N LYS A 278 -7.69 -19.56 11.10
CA LYS A 278 -6.37 -19.95 10.60
C LYS A 278 -5.74 -18.81 9.82
N LEU A 279 -6.51 -18.17 8.94
CA LEU A 279 -6.02 -17.03 8.16
C LEU A 279 -5.62 -15.86 9.06
N ILE A 280 -6.38 -15.61 10.14
CA ILE A 280 -6.13 -14.53 11.08
C ILE A 280 -4.77 -14.73 11.78
N ILE A 281 -4.51 -15.90 12.33
CA ILE A 281 -3.26 -16.25 13.00
C ILE A 281 -2.06 -16.28 12.01
N ASP A 282 -2.26 -16.86 10.82
CA ASP A 282 -1.18 -16.90 9.82
C ASP A 282 -0.77 -15.48 9.40
N PHE A 283 -1.74 -14.59 9.14
CA PHE A 283 -1.42 -13.20 8.79
C PHE A 283 -0.67 -12.50 9.93
N LEU A 284 -1.09 -12.70 11.18
CA LEU A 284 -0.38 -12.13 12.33
C LEU A 284 1.11 -12.55 12.37
N ALA A 285 1.39 -13.83 12.08
CA ALA A 285 2.76 -14.35 12.05
C ALA A 285 3.57 -13.79 10.87
N SER A 286 2.97 -13.67 9.68
CA SER A 286 3.68 -13.12 8.53
C SER A 286 4.01 -11.62 8.74
N VAL A 287 3.14 -10.89 9.42
CA VAL A 287 3.39 -9.48 9.73
C VAL A 287 4.56 -9.35 10.72
N HIS A 288 4.63 -10.26 11.70
CA HIS A 288 5.71 -10.27 12.69
C HIS A 288 7.04 -10.67 12.05
N ASN A 289 7.01 -11.61 11.09
CA ASN A 289 8.23 -12.03 10.42
C ASN A 289 8.79 -10.88 9.56
N THR A 290 7.94 -10.19 8.78
CA THR A 290 8.41 -9.05 7.99
C THR A 290 8.92 -7.92 8.87
N ASP A 291 8.29 -7.71 10.04
CA ASP A 291 8.72 -6.68 10.98
C ASP A 291 10.10 -7.00 11.55
N ASN A 292 10.34 -8.28 11.86
CA ASN A 292 11.64 -8.74 12.36
C ASN A 292 12.71 -8.62 11.27
N ASN A 293 12.34 -8.81 10.00
CA ASN A 293 13.28 -8.68 8.90
C ASN A 293 13.63 -7.21 8.62
N LYS A 294 12.61 -6.31 8.57
CA LYS A 294 12.77 -4.88 8.28
C LYS A 294 13.65 -4.09 9.28
N LYS A 295 13.80 -4.61 10.52
CA LYS A 295 14.62 -3.97 11.56
C LYS A 295 16.01 -3.53 11.08
N LEU A 296 16.41 -2.31 11.49
CA LEU A 296 17.67 -1.64 11.19
C LEU A 296 17.72 -1.11 9.76
N SER B 1 28.85 -8.15 -26.83
CA SER B 1 28.36 -7.18 -25.85
C SER B 1 27.38 -7.81 -24.86
N MET B 2 27.34 -7.24 -23.65
CA MET B 2 26.36 -7.65 -22.64
C MET B 2 24.96 -7.20 -23.13
N ARG B 3 24.87 -6.00 -23.71
CA ARG B 3 23.66 -5.41 -24.27
C ARG B 3 23.02 -6.25 -25.39
N ARG B 4 23.82 -6.70 -26.37
CA ARG B 4 23.30 -7.50 -27.48
C ARG B 4 22.92 -8.91 -27.01
N THR B 5 23.65 -9.45 -26.01
CA THR B 5 23.30 -10.77 -25.45
C THR B 5 21.88 -10.72 -24.83
N LEU B 6 21.51 -9.58 -24.22
CA LEU B 6 20.20 -9.40 -23.63
C LEU B 6 19.12 -8.92 -24.62
N GLY B 7 19.46 -8.76 -25.89
CA GLY B 7 18.52 -8.31 -26.91
C GLY B 7 18.18 -6.83 -26.86
N MET B 8 18.99 -6.00 -26.16
CA MET B 8 18.71 -4.57 -26.07
C MET B 8 19.27 -3.86 -27.30
N GLN B 9 18.45 -3.04 -27.96
CA GLN B 9 18.89 -2.33 -29.17
C GLN B 9 18.97 -0.83 -28.91
N VAL B 10 20.04 -0.20 -29.37
CA VAL B 10 20.27 1.22 -29.13
C VAL B 10 19.66 2.08 -30.22
N ARG B 11 18.85 3.06 -29.83
CA ARG B 11 18.19 3.97 -30.76
CA ARG B 11 18.22 3.97 -30.77
C ARG B 11 18.34 5.41 -30.28
N TYR B 12 18.08 6.39 -31.18
CA TYR B 12 18.12 7.81 -30.83
C TYR B 12 16.83 8.45 -31.33
N VAL B 13 16.17 9.24 -30.49
CA VAL B 13 14.95 9.93 -30.86
C VAL B 13 15.13 11.45 -30.69
N HIS B 14 14.59 12.29 -31.61
CA HIS B 14 14.85 13.73 -31.55
C HIS B 14 13.61 14.57 -31.32
N HIS B 15 13.74 15.62 -30.52
CA HIS B 15 12.68 16.58 -30.30
C HIS B 15 13.34 17.90 -30.59
N GLU B 16 13.09 18.44 -31.78
CA GLU B 16 13.73 19.68 -32.21
C GLU B 16 15.28 19.43 -32.28
N ASP B 17 16.11 20.28 -31.64
CA ASP B 17 17.58 20.09 -31.63
C ASP B 17 18.07 19.36 -30.39
N TYR B 18 17.24 18.52 -29.80
CA TYR B 18 17.63 17.77 -28.61
C TYR B 18 17.48 16.30 -28.94
N GLN B 19 18.43 15.43 -28.56
CA GLN B 19 18.27 14.01 -28.86
CA GLN B 19 18.32 14.00 -28.87
C GLN B 19 18.39 13.14 -27.62
N PHE B 20 17.60 12.08 -27.59
CA PHE B 20 17.59 11.16 -26.48
C PHE B 20 18.19 9.84 -26.93
N CYS B 21 19.17 9.29 -26.18
CA CYS B 21 19.73 7.99 -26.52
C CYS B 21 19.10 7.00 -25.57
N TYR B 22 18.61 5.90 -26.11
CA TYR B 22 17.99 4.90 -25.25
C TYR B 22 18.21 3.51 -25.81
N SER B 23 18.01 2.50 -24.96
CA SER B 23 18.07 1.11 -25.38
C SER B 23 16.69 0.49 -25.08
N PHE B 24 16.29 -0.50 -25.87
CA PHE B 24 14.98 -1.11 -25.70
C PHE B 24 14.95 -2.58 -26.10
N ARG B 25 13.91 -3.28 -25.67
CA ARG B 25 13.59 -4.63 -26.11
C ARG B 25 12.09 -4.86 -25.95
N GLY B 26 11.56 -5.81 -26.70
CA GLY B 26 10.13 -6.05 -26.72
C GLY B 26 9.43 -4.93 -27.48
N ARG B 27 8.10 -4.90 -27.42
CA ARG B 27 7.34 -3.86 -28.11
C ARG B 27 6.07 -3.49 -27.33
N PRO B 28 5.43 -2.33 -27.60
CA PRO B 28 4.18 -2.00 -26.89
C PRO B 28 3.15 -3.13 -27.01
N GLY B 29 2.61 -3.57 -25.87
CA GLY B 29 1.64 -4.65 -25.86
C GLY B 29 0.55 -4.45 -24.83
N HIS B 30 -0.19 -5.53 -24.50
CA HIS B 30 -1.27 -5.45 -23.50
C HIS B 30 -0.70 -5.19 -22.11
N LYS B 31 0.47 -5.76 -21.81
CA LYS B 31 1.17 -5.51 -20.55
C LYS B 31 1.75 -4.10 -20.58
N PRO B 32 1.88 -3.40 -19.43
CA PRO B 32 2.45 -2.05 -19.46
C PRO B 32 3.93 -2.06 -19.81
N SER B 33 4.42 -0.97 -20.41
CA SER B 33 5.83 -0.85 -20.75
C SER B 33 6.58 -0.41 -19.48
N ILE B 34 7.90 -0.65 -19.43
CA ILE B 34 8.69 -0.25 -18.27
C ILE B 34 9.71 0.81 -18.70
N LEU B 35 9.71 1.98 -18.06
CA LEU B 35 10.69 3.02 -18.38
C LEU B 35 11.66 3.11 -17.21
N MET B 36 12.95 2.97 -17.51
CA MET B 36 14.00 2.96 -16.50
C MET B 36 14.86 4.19 -16.57
N LEU B 37 15.02 4.86 -15.41
CA LEU B 37 15.78 6.09 -15.25
C LEU B 37 16.99 5.91 -14.31
N HIS B 38 18.20 5.84 -14.87
CA HIS B 38 19.48 5.69 -14.16
C HIS B 38 19.84 6.87 -13.23
N GLY B 39 20.85 6.70 -12.37
CA GLY B 39 21.27 7.72 -11.42
C GLY B 39 22.38 8.65 -11.88
N PHE B 40 22.88 9.48 -10.94
CA PHE B 40 23.92 10.47 -11.21
C PHE B 40 25.21 9.88 -11.84
N SER B 41 25.62 10.43 -13.01
CA SER B 41 26.85 10.12 -13.75
C SER B 41 26.92 8.68 -14.30
N ALA B 42 25.77 8.03 -14.39
CA ALA B 42 25.68 6.68 -14.89
C ALA B 42 25.17 6.79 -16.40
N HIS B 43 24.48 5.78 -16.97
CA HIS B 43 23.94 5.77 -18.32
C HIS B 43 22.91 4.64 -18.38
N LYS B 44 22.29 4.40 -19.55
CA LYS B 44 21.25 3.41 -19.74
C LYS B 44 21.69 1.96 -19.47
N ASP B 45 23.00 1.65 -19.61
CA ASP B 45 23.50 0.28 -19.42
C ASP B 45 23.60 -0.17 -17.98
N MET B 46 23.48 0.76 -17.03
CA MET B 46 23.50 0.40 -15.61
CA MET B 46 23.51 0.40 -15.63
C MET B 46 22.37 -0.59 -15.27
N TRP B 47 21.27 -0.58 -16.06
CA TRP B 47 20.13 -1.48 -15.84
C TRP B 47 20.28 -2.89 -16.34
N LEU B 48 21.35 -3.18 -17.09
CA LEU B 48 21.57 -4.52 -17.67
C LEU B 48 21.69 -5.65 -16.64
N SER B 49 22.25 -5.38 -15.45
CA SER B 49 22.34 -6.41 -14.40
C SER B 49 20.95 -6.90 -14.00
N VAL B 50 19.95 -5.96 -13.96
CA VAL B 50 18.53 -6.24 -13.70
C VAL B 50 17.83 -6.81 -14.94
N VAL B 51 18.10 -6.28 -16.14
CA VAL B 51 17.45 -6.72 -17.39
C VAL B 51 17.67 -8.21 -17.65
N LYS B 52 18.85 -8.75 -17.26
CA LYS B 52 19.20 -10.19 -17.37
C LYS B 52 18.09 -11.06 -16.81
N PHE B 53 17.48 -10.62 -15.69
CA PHE B 53 16.48 -11.38 -14.96
C PHE B 53 15.03 -11.02 -15.29
N LEU B 54 14.79 -9.92 -16.02
CA LEU B 54 13.43 -9.53 -16.36
C LEU B 54 12.89 -10.41 -17.49
N PRO B 55 11.58 -10.70 -17.51
CA PRO B 55 11.03 -11.51 -18.61
C PRO B 55 11.19 -10.84 -19.96
N LYS B 56 11.32 -11.65 -21.04
CA LYS B 56 11.51 -11.09 -22.37
C LYS B 56 10.21 -10.61 -23.03
N ASN B 57 9.05 -11.02 -22.53
CA ASN B 57 7.76 -10.59 -23.09
C ASN B 57 7.37 -9.18 -22.63
N LEU B 58 8.34 -8.33 -22.27
CA LEU B 58 8.04 -7.02 -21.77
C LEU B 58 8.68 -5.93 -22.60
N HIS B 59 8.01 -4.79 -22.71
CA HIS B 59 8.57 -3.65 -23.42
C HIS B 59 9.43 -2.91 -22.42
N LEU B 60 10.76 -2.91 -22.60
CA LEU B 60 11.67 -2.21 -21.69
C LEU B 60 12.32 -1.04 -22.40
N VAL B 61 12.42 0.10 -21.73
CA VAL B 61 13.10 1.27 -22.28
C VAL B 61 14.06 1.79 -21.24
N CYS B 62 15.35 1.91 -21.56
CA CYS B 62 16.38 2.44 -20.67
C CYS B 62 16.96 3.69 -21.34
N VAL B 63 16.63 4.87 -20.86
CA VAL B 63 17.08 6.13 -21.50
C VAL B 63 18.34 6.68 -20.82
N ASP B 64 19.21 7.33 -21.60
CA ASP B 64 20.38 8.03 -21.08
C ASP B 64 19.83 9.39 -20.59
N MET B 65 20.04 9.72 -19.31
CA MET B 65 19.49 10.94 -18.73
C MET B 65 20.08 12.23 -19.35
N PRO B 66 19.32 13.33 -19.39
CA PRO B 66 19.86 14.60 -19.95
C PRO B 66 21.33 14.89 -19.65
N GLY B 67 22.10 15.08 -20.72
CA GLY B 67 23.52 15.38 -20.65
C GLY B 67 24.44 14.19 -20.46
N HIS B 68 23.88 12.98 -20.28
CA HIS B 68 24.69 11.78 -20.10
C HIS B 68 24.79 11.01 -21.39
N GLU B 69 25.98 10.46 -21.64
CA GLU B 69 26.18 9.49 -22.71
C GLU B 69 25.60 9.95 -24.08
N GLY B 70 24.62 9.23 -24.64
CA GLY B 70 24.08 9.56 -25.95
C GLY B 70 23.08 10.69 -25.98
N THR B 71 22.59 11.13 -24.81
CA THR B 71 21.62 12.23 -24.78
C THR B 71 22.35 13.58 -24.83
N THR B 72 21.74 14.57 -25.52
CA THR B 72 22.27 15.92 -25.70
C THR B 72 22.76 16.52 -24.41
N ARG B 73 24.00 17.08 -24.43
CA ARG B 73 24.62 17.80 -23.33
C ARG B 73 24.72 19.22 -23.85
N SER B 74 23.83 20.10 -23.40
CA SER B 74 23.81 21.50 -23.86
C SER B 74 23.85 22.49 -22.70
N SER B 75 24.60 23.58 -22.88
CA SER B 75 24.70 24.69 -21.93
C SER B 75 23.33 25.37 -21.78
N LEU B 76 22.42 25.23 -22.76
CA LEU B 76 21.09 25.81 -22.70
C LEU B 76 20.08 24.96 -21.89
N ASP B 77 20.36 23.67 -21.69
CA ASP B 77 19.47 22.77 -20.99
C ASP B 77 19.29 23.13 -19.52
N ASP B 78 18.14 22.76 -18.95
CA ASP B 78 17.86 22.98 -17.54
C ASP B 78 18.13 21.64 -16.80
N LEU B 79 19.27 21.54 -16.08
CA LEU B 79 19.61 20.31 -15.38
C LEU B 79 18.96 20.17 -14.03
N SER B 80 18.13 21.14 -13.58
CA SER B 80 17.43 21.00 -12.30
C SER B 80 16.50 19.78 -12.37
N ILE B 81 16.04 19.23 -11.23
CA ILE B 81 15.15 18.07 -11.26
C ILE B 81 13.86 18.38 -12.08
N ASP B 82 13.28 19.58 -11.86
CA ASP B 82 12.13 20.05 -12.64
C ASP B 82 12.37 20.00 -14.16
N GLY B 83 13.54 20.46 -14.61
CA GLY B 83 13.89 20.48 -16.02
C GLY B 83 14.08 19.09 -16.57
N GLN B 84 14.68 18.20 -15.78
CA GLN B 84 14.88 16.81 -16.20
C GLN B 84 13.55 16.07 -16.31
N VAL B 85 12.61 16.36 -15.41
CA VAL B 85 11.26 15.76 -15.44
C VAL B 85 10.58 16.15 -16.78
N LYS B 86 10.63 17.44 -17.14
CA LYS B 86 10.07 17.95 -18.38
C LYS B 86 10.77 17.38 -19.60
N ARG B 87 12.09 17.18 -19.54
CA ARG B 87 12.86 16.51 -20.60
C ARG B 87 12.40 15.04 -20.74
N ILE B 88 12.21 14.33 -19.62
CA ILE B 88 11.72 12.95 -19.66
C ILE B 88 10.32 12.89 -20.27
N HIS B 89 9.46 13.86 -19.96
CA HIS B 89 8.13 13.91 -20.57
C HIS B 89 8.23 14.09 -22.10
N GLN B 90 9.16 14.94 -22.60
CA GLN B 90 9.37 15.11 -24.06
C GLN B 90 9.78 13.78 -24.68
N PHE B 91 10.67 13.03 -23.98
CA PHE B 91 11.14 11.72 -24.41
C PHE B 91 9.97 10.76 -24.52
N VAL B 92 9.10 10.71 -23.48
CA VAL B 92 7.93 9.85 -23.42
C VAL B 92 7.03 10.13 -24.62
N GLU B 93 6.75 11.41 -24.86
CA GLU B 93 5.94 11.87 -25.98
C GLU B 93 6.52 11.44 -27.31
N CYS B 94 7.87 11.57 -27.46
CA CYS B 94 8.59 11.21 -28.68
C CYS B 94 8.34 9.73 -29.01
N LEU B 95 8.43 8.86 -28.00
CA LEU B 95 8.18 7.43 -28.23
C LEU B 95 6.72 7.01 -28.15
N LYS B 96 5.81 7.94 -27.83
CA LYS B 96 4.40 7.67 -27.60
C LYS B 96 4.22 6.65 -26.49
N LEU B 97 5.20 6.58 -25.54
CA LEU B 97 5.20 5.63 -24.44
C LEU B 97 3.94 5.75 -23.59
N ASN B 98 3.40 6.98 -23.48
CA ASN B 98 2.22 7.21 -22.68
C ASN B 98 0.93 7.05 -23.46
N LYS B 99 0.93 6.28 -24.56
CA LYS B 99 -0.31 5.97 -25.31
C LYS B 99 -1.31 5.29 -24.32
N LYS B 100 -0.79 4.42 -23.47
CA LYS B 100 -1.49 3.86 -22.31
C LYS B 100 -0.52 4.02 -21.10
N PRO B 101 -1.01 3.98 -19.84
CA PRO B 101 -0.11 4.15 -18.69
C PRO B 101 1.06 3.15 -18.63
N PHE B 102 2.21 3.61 -18.15
CA PHE B 102 3.40 2.75 -18.08
C PHE B 102 3.98 2.62 -16.67
N HIS B 103 4.81 1.61 -16.47
CA HIS B 103 5.47 1.39 -15.20
C HIS B 103 6.75 2.24 -15.22
N LEU B 104 6.95 3.08 -14.19
CA LEU B 104 8.10 3.97 -14.16
C LEU B 104 9.03 3.57 -13.03
N VAL B 105 10.31 3.27 -13.38
CA VAL B 105 11.34 2.81 -12.43
C VAL B 105 12.48 3.82 -12.45
N GLY B 106 12.99 4.19 -11.29
CA GLY B 106 14.12 5.09 -11.22
C GLY B 106 15.02 4.80 -10.04
N THR B 107 16.35 5.06 -10.15
CA THR B 107 17.23 4.88 -8.98
C THR B 107 17.99 6.17 -8.62
N ALA B 108 18.04 6.50 -7.32
CA ALA B 108 18.77 7.68 -6.84
C ALA B 108 18.32 9.01 -7.63
N MET B 109 19.15 9.74 -8.43
CA MET B 109 18.68 10.92 -9.16
C MET B 109 17.52 10.57 -10.08
N GLY B 110 17.61 9.44 -10.75
CA GLY B 110 16.53 8.99 -11.65
C GLY B 110 15.26 8.60 -10.91
N GLY B 111 15.42 8.25 -9.63
CA GLY B 111 14.35 7.89 -8.70
C GLY B 111 13.64 9.15 -8.25
N GLN B 112 14.40 10.23 -8.04
CA GLN B 112 13.86 11.53 -7.73
C GLN B 112 13.09 12.08 -8.94
N VAL B 113 13.69 12.01 -10.15
CA VAL B 113 13.03 12.41 -11.40
C VAL B 113 11.73 11.56 -11.58
N ALA B 114 11.80 10.22 -11.35
CA ALA B 114 10.66 9.33 -11.50
C ALA B 114 9.52 9.68 -10.55
N GLY B 115 9.84 9.99 -9.29
CA GLY B 115 8.88 10.38 -8.25
C GLY B 115 8.13 11.65 -8.60
N VAL B 116 8.88 12.73 -8.90
CA VAL B 116 8.31 14.01 -9.26
C VAL B 116 7.53 13.90 -10.59
N TYR B 117 8.02 13.05 -11.54
CA TYR B 117 7.34 12.84 -12.81
C TYR B 117 5.96 12.23 -12.55
N ALA B 118 5.86 11.28 -11.59
CA ALA B 118 4.59 10.63 -11.28
C ALA B 118 3.60 11.66 -10.68
N ALA B 119 4.09 12.66 -9.95
CA ALA B 119 3.24 13.71 -9.36
C ALA B 119 2.79 14.71 -10.43
N TYR B 120 3.65 14.98 -11.43
CA TYR B 120 3.32 15.96 -12.48
C TYR B 120 2.45 15.35 -13.55
N TYR B 121 2.71 14.09 -13.93
CA TYR B 121 1.97 13.41 -15.00
C TYR B 121 1.34 12.12 -14.43
N PRO B 122 0.29 12.23 -13.58
CA PRO B 122 -0.31 11.01 -13.00
C PRO B 122 -0.97 10.12 -14.04
N SER B 123 -1.54 10.72 -15.12
N SER B 123 -1.55 10.71 -15.11
CA SER B 123 -2.20 9.97 -16.18
CA SER B 123 -2.20 9.92 -16.16
C SER B 123 -1.21 9.09 -16.98
C SER B 123 -1.22 9.09 -16.99
N ASP B 124 0.08 9.46 -17.00
CA ASP B 124 1.09 8.70 -17.75
C ASP B 124 1.51 7.40 -17.11
N VAL B 125 1.50 7.35 -15.77
CA VAL B 125 2.03 6.26 -14.99
C VAL B 125 0.98 5.32 -14.34
N SER B 126 1.12 4.01 -14.54
CA SER B 126 0.23 3.03 -13.93
C SER B 126 0.74 2.61 -12.53
N SER B 127 2.07 2.61 -12.33
CA SER B 127 2.75 2.23 -11.10
C SER B 127 4.18 2.82 -11.07
N LEU B 128 4.79 2.83 -9.89
CA LEU B 128 6.08 3.48 -9.72
C LEU B 128 7.00 2.69 -8.83
N CYS B 129 8.27 2.60 -9.21
CA CYS B 129 9.26 1.90 -8.40
C CYS B 129 10.42 2.84 -8.19
N LEU B 130 10.66 3.21 -6.95
CA LEU B 130 11.76 4.10 -6.64
C LEU B 130 12.80 3.31 -5.91
N VAL B 131 13.98 3.26 -6.49
CA VAL B 131 15.09 2.55 -5.88
C VAL B 131 15.97 3.61 -5.26
N CYS B 132 16.12 3.64 -3.89
CA CYS B 132 16.86 4.64 -3.10
C CYS B 132 16.81 6.05 -3.71
N PRO B 133 15.60 6.61 -3.95
CA PRO B 133 15.53 7.90 -4.64
C PRO B 133 16.13 9.04 -3.86
N ALA B 134 16.70 10.00 -4.57
CA ALA B 134 17.20 11.21 -3.96
C ALA B 134 15.97 12.18 -3.76
N GLY B 135 16.16 13.38 -3.21
CA GLY B 135 15.10 14.37 -3.12
C GLY B 135 14.30 14.44 -1.83
N LEU B 136 14.81 13.82 -0.77
CA LEU B 136 14.11 13.82 0.51
C LEU B 136 14.82 14.71 1.54
N GLN B 137 14.08 15.17 2.55
CA GLN B 137 14.66 15.95 3.61
C GLN B 137 14.78 15.07 4.85
N TYR B 138 16.01 14.85 5.30
CA TYR B 138 16.32 14.05 6.48
C TYR B 138 16.44 14.93 7.71
N SER B 139 16.15 14.37 8.89
CA SER B 139 16.29 15.12 10.15
C SER B 139 17.73 15.14 10.69
N THR B 140 18.58 14.20 10.21
CA THR B 140 20.01 14.12 10.52
C THR B 140 20.77 13.84 9.21
N ASP B 141 22.02 14.30 9.10
CA ASP B 141 22.86 14.04 7.93
C ASP B 141 23.81 12.85 8.16
N ASN B 142 23.95 11.97 7.15
CA ASN B 142 24.92 10.87 7.26
C ASN B 142 26.35 11.41 7.00
N GLN B 143 27.37 10.54 7.04
CA GLN B 143 28.77 10.96 6.81
C GLN B 143 28.97 11.56 5.40
N PHE B 144 28.36 10.96 4.36
CA PHE B 144 28.49 11.49 2.99
C PHE B 144 27.99 12.94 2.88
N VAL B 145 26.72 13.19 3.28
CA VAL B 145 26.11 14.52 3.26
C VAL B 145 26.89 15.53 4.12
N GLN B 146 27.37 15.13 5.31
CA GLN B 146 28.17 16.05 6.14
C GLN B 146 29.48 16.45 5.44
N ARG B 147 30.13 15.51 4.75
CA ARG B 147 31.36 15.81 4.01
C ARG B 147 31.06 16.77 2.85
N LEU B 148 29.86 16.70 2.24
CA LEU B 148 29.49 17.64 1.16
C LEU B 148 29.30 19.03 1.72
N LYS B 149 28.62 19.13 2.88
CA LYS B 149 28.38 20.41 3.53
C LYS B 149 29.67 21.06 4.06
N GLU B 150 30.70 20.24 4.35
CA GLU B 150 32.01 20.66 4.82
C GLU B 150 32.79 21.30 3.66
N LEU B 151 32.72 20.69 2.45
CA LEU B 151 33.37 21.23 1.24
C LEU B 151 32.81 22.61 0.94
N GLN B 152 31.48 22.78 1.11
CA GLN B 152 30.75 24.02 0.89
C GLN B 152 31.28 25.09 1.84
N GLU B 158 35.94 19.66 -6.72
CA GLU B 158 37.06 18.74 -6.95
C GLU B 158 37.06 17.60 -5.93
N LYS B 159 36.61 17.89 -4.71
CA LYS B 159 36.60 16.89 -3.66
C LYS B 159 35.25 16.19 -3.51
N ILE B 160 34.37 16.24 -4.55
CA ILE B 160 33.09 15.53 -4.52
C ILE B 160 33.36 14.03 -4.72
N PRO B 161 33.04 13.17 -3.73
CA PRO B 161 33.35 11.73 -3.87
C PRO B 161 32.75 11.00 -5.06
N LEU B 162 31.60 11.46 -5.57
CA LEU B 162 30.98 10.83 -6.74
C LEU B 162 31.60 11.31 -8.07
N ILE B 163 32.59 12.23 -8.02
CA ILE B 163 33.26 12.72 -9.22
C ILE B 163 34.79 12.49 -9.08
N PRO B 164 35.22 11.21 -9.08
CA PRO B 164 36.64 10.93 -8.96
C PRO B 164 37.46 11.28 -10.21
N SER B 165 38.72 11.68 -10.01
N SER B 165 38.72 11.66 -10.02
CA SER B 165 39.66 12.02 -11.08
CA SER B 165 39.66 11.99 -11.09
C SER B 165 40.94 11.17 -11.06
C SER B 165 40.91 11.08 -11.10
N THR B 166 41.19 10.39 -9.98
CA THR B 166 42.36 9.51 -9.87
C THR B 166 41.93 8.06 -9.57
N PRO B 167 42.81 7.04 -9.74
CA PRO B 167 42.41 5.65 -9.41
C PRO B 167 42.06 5.46 -7.93
N GLU B 168 42.76 6.18 -7.03
CA GLU B 168 42.55 6.13 -5.57
C GLU B 168 41.15 6.65 -5.24
N GLU B 169 40.75 7.75 -5.92
CA GLU B 169 39.43 8.35 -5.78
C GLU B 169 38.35 7.46 -6.36
N MET B 170 38.65 6.75 -7.46
CA MET B 170 37.69 5.84 -8.09
C MET B 170 37.35 4.71 -7.13
N SER B 171 38.37 4.16 -6.47
CA SER B 171 38.24 3.09 -5.48
C SER B 171 37.39 3.56 -4.30
N GLU B 172 37.61 4.80 -3.86
CA GLU B 172 36.84 5.43 -2.77
C GLU B 172 35.38 5.62 -3.15
N MET B 173 35.07 5.85 -4.45
CA MET B 173 33.69 6.01 -4.92
C MET B 173 33.00 4.64 -4.94
N LEU B 174 33.72 3.59 -5.42
CA LEU B 174 33.13 2.25 -5.44
C LEU B 174 32.84 1.76 -4.03
N GLN B 175 33.72 2.08 -3.07
CA GLN B 175 33.52 1.67 -1.68
C GLN B 175 32.33 2.40 -1.04
N LEU B 176 32.15 3.66 -1.40
CA LEU B 176 31.05 4.45 -0.87
C LEU B 176 29.68 3.96 -1.42
N CYS B 177 29.67 3.56 -2.70
CA CYS B 177 28.46 3.22 -3.43
C CYS B 177 28.01 1.78 -3.38
N SER B 178 28.77 0.90 -2.70
CA SER B 178 28.44 -0.52 -2.59
C SER B 178 28.88 -1.08 -1.23
N TYR B 179 28.20 -2.17 -0.78
CA TYR B 179 28.44 -2.78 0.53
C TYR B 179 29.52 -3.84 0.54
N VAL B 180 29.37 -4.92 -0.25
CA VAL B 180 30.34 -6.00 -0.24
C VAL B 180 31.62 -5.57 -0.94
N ARG B 181 32.76 -5.66 -0.22
CA ARG B 181 34.05 -5.24 -0.75
C ARG B 181 34.57 -6.22 -1.78
N PHE B 182 35.12 -5.71 -2.89
CA PHE B 182 35.64 -6.51 -4.00
C PHE B 182 36.91 -5.88 -4.58
N LYS B 183 37.83 -6.72 -5.04
CA LYS B 183 39.08 -6.22 -5.62
C LYS B 183 38.92 -5.76 -7.06
N VAL B 184 39.56 -4.66 -7.39
CA VAL B 184 39.57 -4.11 -8.74
C VAL B 184 41.02 -3.80 -9.04
N PRO B 185 41.56 -4.37 -10.12
CA PRO B 185 42.97 -4.09 -10.45
C PRO B 185 43.21 -2.61 -10.75
N GLN B 186 44.45 -2.15 -10.55
CA GLN B 186 44.79 -0.75 -10.76
C GLN B 186 44.54 -0.30 -12.20
N GLN B 187 44.82 -1.17 -13.19
CA GLN B 187 44.57 -0.81 -14.59
C GLN B 187 43.07 -0.70 -14.88
N ILE B 188 42.23 -1.48 -14.18
CA ILE B 188 40.77 -1.36 -14.33
C ILE B 188 40.28 -0.07 -13.63
N LEU B 189 40.85 0.29 -12.46
CA LEU B 189 40.52 1.54 -11.78
C LEU B 189 40.91 2.75 -12.65
N GLN B 190 42.05 2.65 -13.36
CA GLN B 190 42.51 3.73 -14.24
C GLN B 190 41.61 3.83 -15.46
N GLY B 191 41.24 2.68 -16.04
CA GLY B 191 40.33 2.66 -17.17
C GLY B 191 38.98 3.27 -16.83
N LEU B 192 38.43 2.92 -15.66
CA LEU B 192 37.15 3.47 -15.21
C LEU B 192 37.16 4.99 -15.04
N VAL B 193 38.26 5.55 -14.50
CA VAL B 193 38.35 6.98 -14.25
C VAL B 193 38.67 7.76 -15.53
N ASP B 194 39.45 7.17 -16.44
CA ASP B 194 39.81 7.77 -17.70
C ASP B 194 38.60 8.01 -18.58
N VAL B 195 37.64 7.08 -18.58
CA VAL B 195 36.44 7.24 -19.40
C VAL B 195 35.53 8.37 -18.87
N ARG B 196 35.57 8.66 -17.55
CA ARG B 196 34.75 9.71 -16.94
C ARG B 196 35.39 11.10 -16.96
N ILE B 197 36.73 11.22 -16.92
CA ILE B 197 37.44 12.52 -16.87
C ILE B 197 36.93 13.56 -17.91
N PRO B 198 36.73 13.27 -19.23
CA PRO B 198 36.22 14.32 -20.12
C PRO B 198 34.82 14.85 -19.72
N HIS B 199 34.09 14.05 -18.94
CA HIS B 199 32.75 14.39 -18.53
C HIS B 199 32.66 14.92 -17.10
N ASN B 200 33.79 15.09 -16.39
CA ASN B 200 33.79 15.54 -14.99
C ASN B 200 33.32 16.98 -14.80
N ASN B 201 33.58 17.92 -15.76
CA ASN B 201 33.06 19.28 -15.62
C ASN B 201 31.52 19.24 -15.73
N PHE B 202 30.97 18.37 -16.61
CA PHE B 202 29.52 18.22 -16.72
C PHE B 202 28.99 17.62 -15.39
N TYR B 203 29.65 16.58 -14.89
CA TYR B 203 29.23 15.95 -13.64
C TYR B 203 29.16 16.97 -12.48
N ARG B 204 30.12 17.90 -12.38
CA ARG B 204 30.12 18.95 -11.32
C ARG B 204 28.92 19.90 -11.48
N LYS B 205 28.66 20.34 -12.73
CA LYS B 205 27.57 21.23 -13.07
C LYS B 205 26.21 20.59 -12.73
N LEU B 206 26.03 19.34 -13.11
CA LEU B 206 24.80 18.60 -12.84
C LEU B 206 24.67 18.40 -11.33
N PHE B 207 25.78 18.04 -10.66
CA PHE B 207 25.74 17.82 -9.20
C PHE B 207 25.25 19.05 -8.46
N LEU B 208 25.78 20.24 -8.81
CA LEU B 208 25.36 21.50 -8.18
C LEU B 208 23.89 21.83 -8.45
N GLU B 209 23.37 21.47 -9.64
CA GLU B 209 21.96 21.72 -9.95
C GLU B 209 21.05 20.83 -9.13
N ILE B 210 21.42 19.56 -8.95
CA ILE B 210 20.57 18.63 -8.24
CA ILE B 210 20.67 18.54 -8.22
C ILE B 210 20.68 18.78 -6.71
N VAL B 211 21.82 19.28 -6.18
CA VAL B 211 21.93 19.49 -4.72
C VAL B 211 21.52 20.88 -4.29
N SER B 212 21.17 21.79 -5.23
CA SER B 212 20.71 23.13 -4.90
C SER B 212 19.41 23.01 -4.09
N GLU B 213 19.13 23.97 -3.19
CA GLU B 213 17.91 23.94 -2.44
C GLU B 213 16.65 24.00 -3.33
N LYS B 214 16.78 24.48 -4.59
CA LYS B 214 15.68 24.49 -5.55
C LYS B 214 15.25 23.09 -5.95
N SER B 215 16.16 22.09 -5.90
CA SER B 215 15.88 20.70 -6.27
C SER B 215 16.09 19.67 -5.17
N ARG B 216 16.88 19.97 -4.13
CA ARG B 216 17.26 19.05 -3.05
C ARG B 216 16.13 18.28 -2.36
N TYR B 217 14.98 18.91 -2.20
CA TYR B 217 13.84 18.29 -1.52
C TYR B 217 12.61 18.19 -2.41
N SER B 218 12.76 18.26 -3.76
CA SER B 218 11.59 18.28 -4.62
C SER B 218 10.75 17.00 -4.57
N LEU B 219 11.35 15.83 -4.28
CA LEU B 219 10.53 14.61 -4.16
C LEU B 219 9.72 14.72 -2.85
N HIS B 220 10.38 15.12 -1.74
CA HIS B 220 9.73 15.30 -0.43
C HIS B 220 8.51 16.22 -0.54
N GLN B 221 8.64 17.31 -1.34
CA GLN B 221 7.62 18.33 -1.56
C GLN B 221 6.44 17.86 -2.40
N ASN B 222 6.65 16.83 -3.23
CA ASN B 222 5.60 16.30 -4.11
C ASN B 222 5.12 14.89 -3.74
N MET B 223 5.60 14.32 -2.62
CA MET B 223 5.22 12.97 -2.15
C MET B 223 3.71 12.78 -2.08
N ASP B 224 2.99 13.73 -1.49
CA ASP B 224 1.53 13.64 -1.33
C ASP B 224 0.74 13.78 -2.64
N LYS B 225 1.42 14.10 -3.76
CA LYS B 225 0.75 14.19 -5.06
C LYS B 225 0.87 12.89 -5.88
N ILE B 226 1.65 11.89 -5.40
CA ILE B 226 1.75 10.61 -6.08
C ILE B 226 0.51 9.78 -5.77
N LYS B 227 -0.29 9.49 -6.81
CA LYS B 227 -1.55 8.79 -6.64
C LYS B 227 -1.66 7.47 -7.38
N VAL B 228 -0.53 6.81 -7.59
CA VAL B 228 -0.45 5.51 -8.25
C VAL B 228 0.18 4.52 -7.24
N PRO B 229 -0.05 3.19 -7.36
CA PRO B 229 0.62 2.24 -6.44
C PRO B 229 2.14 2.37 -6.58
N THR B 230 2.83 2.57 -5.44
CA THR B 230 4.27 2.82 -5.43
C THR B 230 4.99 1.74 -4.65
N GLN B 231 6.23 1.46 -5.09
CA GLN B 231 7.11 0.49 -4.45
C GLN B 231 8.44 1.18 -4.21
N ILE B 232 8.99 1.07 -3.00
CA ILE B 232 10.32 1.61 -2.71
C ILE B 232 11.27 0.41 -2.46
N ILE B 233 12.44 0.42 -3.10
CA ILE B 233 13.43 -0.61 -2.87
C ILE B 233 14.65 0.15 -2.38
N TRP B 234 15.24 -0.25 -1.25
CA TRP B 234 16.39 0.46 -0.71
C TRP B 234 17.33 -0.54 -0.06
N GLY B 235 18.64 -0.35 -0.24
CA GLY B 235 19.63 -1.16 0.46
C GLY B 235 19.83 -0.60 1.84
N LYS B 236 19.81 -1.47 2.86
CA LYS B 236 19.97 -1.08 4.28
C LYS B 236 21.31 -0.47 4.59
N GLN B 237 22.35 -0.81 3.81
CA GLN B 237 23.70 -0.30 4.06
C GLN B 237 24.09 0.88 3.14
N ASP B 238 23.10 1.58 2.59
CA ASP B 238 23.34 2.69 1.68
C ASP B 238 24.06 3.82 2.39
N GLN B 239 25.31 4.08 1.97
CA GLN B 239 26.15 5.10 2.58
C GLN B 239 26.01 6.49 1.93
N VAL B 240 25.26 6.59 0.82
CA VAL B 240 25.04 7.81 0.06
C VAL B 240 23.67 8.40 0.46
N LEU B 241 22.56 7.65 0.26
CA LEU B 241 21.19 8.05 0.58
C LEU B 241 20.68 7.10 1.63
N ASP B 242 20.65 7.57 2.87
CA ASP B 242 20.31 6.80 4.05
C ASP B 242 18.97 6.08 3.97
N VAL B 243 18.94 4.77 4.30
CA VAL B 243 17.74 3.91 4.30
C VAL B 243 16.56 4.49 5.09
N SER B 244 16.79 5.43 6.05
CA SER B 244 15.64 6.02 6.78
C SER B 244 14.68 6.79 5.86
N GLY B 245 15.11 7.09 4.62
CA GLY B 245 14.28 7.75 3.64
C GLY B 245 13.09 6.94 3.21
N ALA B 246 13.18 5.60 3.22
CA ALA B 246 12.07 4.74 2.79
C ALA B 246 10.87 4.90 3.72
N ASP B 247 11.12 5.01 5.02
CA ASP B 247 10.04 5.19 5.98
C ASP B 247 9.37 6.56 5.80
N MET B 248 10.14 7.60 5.42
CA MET B 248 9.52 8.92 5.16
C MET B 248 8.57 8.81 3.96
N LEU B 249 8.99 8.09 2.92
CA LEU B 249 8.18 7.87 1.72
C LEU B 249 6.90 7.06 2.03
N ALA B 250 7.01 5.95 2.78
CA ALA B 250 5.83 5.16 3.13
C ALA B 250 4.80 5.96 3.93
N LYS B 251 5.22 6.91 4.77
CA LYS B 251 4.27 7.75 5.53
C LYS B 251 3.48 8.77 4.67
N SER B 252 4.12 9.39 3.67
CA SER B 252 3.48 10.43 2.85
C SER B 252 2.91 9.98 1.52
N ILE B 253 3.45 8.91 0.95
CA ILE B 253 2.94 8.38 -0.31
C ILE B 253 1.82 7.40 0.04
N ALA B 254 0.62 7.65 -0.46
CA ALA B 254 -0.51 6.75 -0.23
C ALA B 254 -0.26 5.49 -1.04
N ASN B 255 -0.48 4.29 -0.47
CA ASN B 255 -0.24 3.04 -1.21
C ASN B 255 1.25 2.91 -1.59
N CYS B 256 2.12 2.95 -0.57
CA CYS B 256 3.53 2.84 -0.79
C CYS B 256 4.12 1.65 -0.01
N GLN B 257 4.51 0.61 -0.75
CA GLN B 257 5.08 -0.63 -0.22
C GLN B 257 6.60 -0.53 -0.21
N VAL B 258 7.23 -0.80 0.92
CA VAL B 258 8.68 -0.72 1.06
C VAL B 258 9.33 -2.10 1.11
N GLU B 259 10.42 -2.30 0.32
CA GLU B 259 11.28 -3.49 0.30
C GLU B 259 12.70 -3.08 0.71
N LEU B 260 13.14 -3.45 1.92
CA LEU B 260 14.48 -3.11 2.42
C LEU B 260 15.39 -4.31 2.20
N LEU B 261 16.50 -4.10 1.49
CA LEU B 261 17.38 -5.17 1.09
C LEU B 261 18.58 -5.26 1.98
N GLU B 262 18.82 -6.47 2.49
CA GLU B 262 19.94 -6.73 3.37
C GLU B 262 21.26 -6.86 2.56
N ASN B 263 22.43 -6.57 3.19
CA ASN B 263 23.75 -6.71 2.55
C ASN B 263 23.82 -5.93 1.25
N CYS B 264 23.26 -4.73 1.26
CA CYS B 264 23.15 -3.93 0.05
C CYS B 264 23.44 -2.47 0.32
N GLY B 265 24.19 -1.84 -0.57
CA GLY B 265 24.50 -0.42 -0.47
C GLY B 265 23.72 0.43 -1.45
N HIS B 266 24.32 1.54 -1.90
CA HIS B 266 23.65 2.47 -2.82
C HIS B 266 23.31 1.94 -4.21
N SER B 267 24.21 1.14 -4.79
N SER B 267 24.22 1.15 -4.81
CA SER B 267 24.04 0.61 -6.14
CA SER B 267 24.00 0.63 -6.17
C SER B 267 23.18 -0.65 -6.16
C SER B 267 23.17 -0.64 -6.18
N VAL B 268 21.92 -0.54 -5.71
CA VAL B 268 20.98 -1.66 -5.59
C VAL B 268 20.91 -2.57 -6.82
N VAL B 269 20.83 -1.94 -7.99
N VAL B 269 20.79 -1.96 -8.01
CA VAL B 269 20.71 -2.59 -9.28
CA VAL B 269 20.63 -2.70 -9.24
C VAL B 269 21.90 -3.48 -9.55
C VAL B 269 21.91 -3.45 -9.68
N MET B 270 23.10 -2.99 -9.26
CA MET B 270 24.34 -3.74 -9.53
C MET B 270 24.64 -4.76 -8.40
N GLU B 271 24.24 -4.47 -7.17
CA GLU B 271 24.50 -5.34 -6.03
C GLU B 271 23.53 -6.50 -5.86
N ARG B 272 22.20 -6.24 -5.88
CA ARG B 272 21.21 -7.32 -5.68
C ARG B 272 20.30 -7.39 -6.91
N PRO B 273 20.84 -7.71 -8.12
CA PRO B 273 20.03 -7.63 -9.33
C PRO B 273 18.91 -8.65 -9.44
N ARG B 274 19.13 -9.87 -8.94
CA ARG B 274 18.15 -10.96 -9.00
C ARG B 274 16.95 -10.65 -8.11
N LYS B 275 17.20 -10.28 -6.84
CA LYS B 275 16.15 -9.90 -5.91
C LYS B 275 15.44 -8.64 -6.40
N THR B 276 16.20 -7.64 -6.94
CA THR B 276 15.60 -6.39 -7.44
C THR B 276 14.65 -6.67 -8.60
N ALA B 277 15.08 -7.46 -9.60
CA ALA B 277 14.22 -7.84 -10.72
C ALA B 277 12.98 -8.62 -10.28
N LYS B 278 13.11 -9.53 -9.29
CA LYS B 278 11.95 -10.29 -8.80
C LYS B 278 10.96 -9.35 -8.13
N LEU B 279 11.47 -8.42 -7.31
CA LEU B 279 10.60 -7.47 -6.63
C LEU B 279 9.88 -6.58 -7.65
N ILE B 280 10.62 -6.14 -8.70
CA ILE B 280 10.03 -5.28 -9.71
C ILE B 280 8.88 -5.96 -10.43
N ILE B 281 9.07 -7.20 -10.89
CA ILE B 281 8.06 -7.91 -11.63
C ILE B 281 6.91 -8.39 -10.75
N ASP B 282 7.16 -8.81 -9.50
CA ASP B 282 6.06 -9.22 -8.61
C ASP B 282 5.16 -8.02 -8.28
N PHE B 283 5.77 -6.83 -8.10
CA PHE B 283 4.97 -5.65 -7.83
C PHE B 283 4.13 -5.30 -9.05
N LEU B 284 4.77 -5.23 -10.24
CA LEU B 284 4.04 -4.89 -11.47
C LEU B 284 2.90 -5.87 -11.75
N ALA B 285 3.13 -7.18 -11.52
CA ALA B 285 2.13 -8.22 -11.71
C ALA B 285 0.95 -8.04 -10.76
N SER B 286 1.21 -7.59 -9.52
CA SER B 286 0.13 -7.40 -8.54
C SER B 286 -0.78 -6.21 -8.88
N VAL B 287 -0.17 -5.13 -9.42
CA VAL B 287 -0.87 -3.93 -9.84
C VAL B 287 -1.86 -4.26 -10.96
N HIS B 288 -1.49 -5.16 -11.88
CA HIS B 288 -2.33 -5.46 -13.03
C HIS B 288 -3.13 -6.77 -12.98
N ASN B 289 -3.10 -7.51 -11.87
CA ASN B 289 -3.87 -8.75 -11.74
C ASN B 289 -3.65 -9.36 -10.36
C1 BOG C . -33.86 8.54 2.41
O1 BOG C . -35.10 8.45 3.07
C2 BOG C . -33.41 10.00 2.44
O2 BOG C . -34.36 10.87 1.83
C3 BOG C . -32.04 10.13 1.78
O3 BOG C . -31.58 11.47 1.94
C4 BOG C . -31.04 9.16 2.43
O4 BOG C . -29.79 9.17 1.76
C5 BOG C . -31.60 7.75 2.43
O5 BOG C . -32.90 7.73 3.06
C6 BOG C . -30.72 6.77 3.19
O6 BOG C . -30.46 7.21 4.52
C1' BOG C . -35.52 7.12 3.36
C2' BOG C . -36.40 6.62 2.24
C3' BOG C . -37.00 5.26 2.50
C4' BOG C . -35.99 4.13 2.63
C5' BOG C . -36.51 2.75 2.27
C6' BOG C . -35.51 1.64 2.54
C7' BOG C . -34.24 1.75 1.74
C8' BOG C . -33.14 0.85 2.22
C1 OLA D . -23.66 -6.18 7.66
O1 OLA D . -23.07 -5.37 8.42
O2 OLA D . -23.60 -7.42 7.82
C2 OLA D . -24.48 -5.69 6.49
C3 OLA D . -23.71 -4.60 5.77
C4 OLA D . -23.98 -3.21 6.33
C5 OLA D . -24.95 -2.48 5.42
C6 OLA D . -24.26 -1.94 4.17
C7 OLA D . -25.22 -1.93 2.99
C8 OLA D . -24.71 -1.01 1.89
C9 OLA D . -25.71 -1.06 0.76
C10 OLA D . -25.97 -0.03 -0.06
C11 OLA D . -25.29 1.33 0.02
C12 OLA D . -25.31 1.97 -1.36
C13 OLA D . -26.43 2.99 -1.52
C14 OLA D . -27.82 2.42 -1.26
C15 OLA D . -28.88 3.41 -1.75
C16 OLA D . -30.22 3.25 -1.04
C17 OLA D . -30.55 4.49 -0.21
C18 OLA D . -31.72 4.23 0.70
S SO4 E . -14.31 -24.26 7.62
O1 SO4 E . -13.50 -25.40 7.23
O2 SO4 E . -15.42 -24.15 6.69
O3 SO4 E . -13.46 -23.10 7.55
O4 SO4 E . -14.80 -24.40 8.99
S SO4 F . -11.02 -22.50 0.69
O1 SO4 F . -10.02 -21.43 0.62
O2 SO4 F . -10.75 -23.57 -0.28
O3 SO4 F . -10.98 -23.09 2.02
O4 SO4 F . -12.34 -21.93 0.42
C1 OLA G . 22.77 9.45 -7.17
O1 OLA G . 22.24 9.49 -8.29
O2 OLA G . 23.63 8.60 -6.87
C2 OLA G . 22.27 10.41 -6.11
C3 OLA G . 23.28 11.45 -5.65
C4 OLA G . 22.46 12.54 -4.96
C5 OLA G . 23.29 13.35 -3.98
C6 OLA G . 22.46 13.69 -2.74
C7 OLA G . 23.25 14.55 -1.77
C8 OLA G . 22.30 15.44 -0.96
C9 OLA G . 23.10 16.47 -0.20
C10 OLA G . 22.69 17.73 -0.14
C11 OLA G . 23.50 18.72 0.65
C12 OLA G . 24.29 19.60 -0.31
C13 OLA G . 25.47 20.26 0.39
C14 OLA G . 25.98 21.43 -0.44
C15 OLA G . 26.60 20.97 -1.77
C16 OLA G . 28.11 20.87 -1.67
C17 OLA G . 28.77 21.26 -2.99
C18 OLA G . 30.27 21.38 -2.85
C1 GOL H . 35.58 -1.84 -3.88
O1 GOL H . 35.14 -2.06 -2.53
C2 GOL H . 37.00 -1.29 -3.88
O2 GOL H . 37.83 -2.08 -3.02
C3 GOL H . 37.56 -1.25 -5.30
O3 GOL H . 38.82 -0.55 -5.35
C1 GOL I . 25.53 4.40 -7.90
O1 GOL I . 25.35 3.25 -8.74
C2 GOL I . 25.64 5.70 -8.71
O2 GOL I . 26.45 5.53 -9.89
C3 GOL I . 26.23 6.78 -7.83
O3 GOL I . 26.28 8.03 -8.52
C1 GOL J . 8.47 2.29 -29.64
O1 GOL J . 7.57 2.20 -28.54
C2 GOL J . 9.90 2.05 -29.19
O2 GOL J . 10.00 0.79 -28.54
C3 GOL J . 10.83 2.14 -30.41
O3 GOL J . 12.17 1.79 -30.06
S SO4 K . 20.83 -11.34 -5.44
O1 SO4 K . 20.25 -12.66 -5.27
O2 SO4 K . 21.33 -11.20 -6.82
O3 SO4 K . 21.91 -11.12 -4.49
O4 SO4 K . 19.80 -10.36 -5.20
#